data_7O4C
#
_entry.id   7O4C
#
_cell.length_a   39.972
_cell.length_b   80.562
_cell.length_c   90.422
_cell.angle_alpha   90.000
_cell.angle_beta   90.000
_cell.angle_gamma   90.000
#
_symmetry.space_group_name_H-M   'P 21 21 21'
#
loop_
_entity.id
_entity.type
_entity.pdbx_description
1 polymer 'Penicillin-binding protein 1'
2 non-polymer 'CHLORIDE ION'
3 water water
#
_entity_poly.entity_id   1
_entity_poly.type   'polypeptide(L)'
_entity_poly.pdbx_seq_one_letter_code
;AEYSKVPDVEGQDKQKAIDNVSAKSLEPVTIGSGTQIKAQSIKAGNKVLPHSKVLLLTDGDLTMPDMSGWTKEDVIAFEN
LTNIKVNLKGSGFVSHQSISKGQKLTEKDKIDVEFSS
;
_entity_poly.pdbx_strand_id   A,B
#
# COMPACT_ATOMS: atom_id res chain seq x y z
N ALA A 1 -20.26 -4.58 -3.32
CA ALA A 1 -18.80 -4.76 -2.96
C ALA A 1 -18.67 -5.31 -1.53
N GLU A 2 -18.49 -6.62 -1.39
CA GLU A 2 -18.39 -7.31 -0.08
C GLU A 2 -16.98 -7.03 0.44
N TYR A 3 -16.86 -6.80 1.74
CA TYR A 3 -15.55 -6.63 2.40
C TYR A 3 -15.40 -7.68 3.47
N SER A 4 -14.15 -8.12 3.64
CA SER A 4 -13.71 -8.96 4.78
C SER A 4 -13.13 -8.04 5.84
N LYS A 5 -13.22 -8.47 7.10
CA LYS A 5 -12.63 -7.78 8.25
C LYS A 5 -11.41 -8.57 8.70
N VAL A 6 -10.27 -7.93 8.70
CA VAL A 6 -9.00 -8.55 9.08
C VAL A 6 -8.99 -8.90 10.56
N PRO A 7 -8.73 -10.17 10.92
CA PRO A 7 -8.66 -10.51 12.33
C PRO A 7 -7.34 -10.10 12.98
N ASP A 8 -7.36 -10.01 14.30
CA ASP A 8 -6.16 -9.72 15.10
C ASP A 8 -5.46 -11.05 15.40
N VAL A 9 -4.36 -11.30 14.72
CA VAL A 9 -3.63 -12.59 14.92
C VAL A 9 -2.22 -12.40 15.47
N GLU A 10 -1.83 -11.17 15.80
CA GLU A 10 -0.50 -10.97 16.36
C GLU A 10 -0.41 -11.64 17.73
N GLY A 11 0.69 -12.37 17.87
CA GLY A 11 1.01 -13.17 19.05
C GLY A 11 0.41 -14.57 18.97
N GLN A 12 -0.42 -14.86 17.98
CA GLN A 12 -1.05 -16.20 17.93
C GLN A 12 -0.07 -17.25 17.43
N ASP A 13 -0.35 -18.48 17.84
CA ASP A 13 0.25 -19.66 17.20
C ASP A 13 0.10 -19.53 15.70
N LYS A 14 1.15 -19.92 14.96
CA LYS A 14 1.17 -19.74 13.51
C LYS A 14 -0.04 -20.40 12.85
N GLN A 15 -0.32 -21.69 13.14
CA GLN A 15 -1.43 -22.34 12.45
C GLN A 15 -2.78 -21.72 12.84
N LYS A 16 -2.92 -21.35 14.10
CA LYS A 16 -4.16 -20.67 14.54
C LYS A 16 -4.34 -19.39 13.72
N ALA A 17 -3.27 -18.64 13.53
CA ALA A 17 -3.35 -17.36 12.78
C ALA A 17 -3.74 -17.62 11.34
N ILE A 18 -3.13 -18.63 10.72
CA ILE A 18 -3.46 -18.99 9.33
C ILE A 18 -4.95 -19.31 9.29
N ASP A 19 -5.42 -20.14 10.22
CA ASP A 19 -6.83 -20.58 10.21
C ASP A 19 -7.75 -19.37 10.42
N ASN A 20 -7.38 -18.46 11.30
CA ASN A 20 -8.22 -17.28 11.61
C ASN A 20 -8.28 -16.35 10.41
N VAL A 21 -7.18 -16.18 9.69
CA VAL A 21 -7.22 -15.33 8.48
C VAL A 21 -8.07 -16.01 7.42
N SER A 22 -7.87 -17.33 7.22
CA SER A 22 -8.61 -18.05 6.16
C SER A 22 -10.12 -17.97 6.46
N ALA A 23 -10.48 -18.05 7.73
CA ALA A 23 -11.91 -18.06 8.15
C ALA A 23 -12.58 -16.73 7.78
N LYS A 24 -11.80 -15.68 7.52
CA LYS A 24 -12.38 -14.36 7.16
C LYS A 24 -12.38 -14.21 5.63
N SER A 25 -12.17 -15.29 4.90
CA SER A 25 -12.09 -15.31 3.42
C SER A 25 -10.97 -14.39 2.94
N LEU A 26 -9.84 -14.45 3.63
CA LEU A 26 -8.57 -13.79 3.27
C LEU A 26 -7.49 -14.86 3.12
N GLU A 27 -6.42 -14.47 2.45
CA GLU A 27 -5.32 -15.40 2.14
C GLU A 27 -4.17 -15.09 3.06
N PRO A 28 -3.88 -15.94 4.06
CA PRO A 28 -2.71 -15.71 4.87
C PRO A 28 -1.47 -16.16 4.10
N VAL A 29 -0.43 -15.33 4.18
CA VAL A 29 0.91 -15.71 3.70
C VAL A 29 1.89 -15.55 4.83
N THR A 30 2.54 -16.63 5.25
CA THR A 30 3.51 -16.55 6.33
C THR A 30 4.90 -16.25 5.79
N ILE A 31 5.64 -15.51 6.57
CA ILE A 31 7.03 -15.09 6.30
C ILE A 31 7.85 -15.46 7.54
N GLY A 32 8.82 -16.32 7.36
CA GLY A 32 9.64 -16.76 8.47
C GLY A 32 9.45 -18.22 8.82
N SER A 33 10.41 -18.71 9.59
CA SER A 33 10.45 -20.14 9.98
C SER A 33 10.03 -20.37 11.44
N GLY A 34 9.46 -19.37 12.08
CA GLY A 34 8.98 -19.47 13.45
C GLY A 34 7.59 -20.07 13.60
N THR A 35 7.18 -20.15 14.87
CA THR A 35 5.93 -20.81 15.28
C THR A 35 4.88 -19.88 15.86
N GLN A 36 5.19 -18.58 15.94
CA GLN A 36 4.29 -17.59 16.53
C GLN A 36 4.30 -16.36 15.60
N ILE A 37 3.15 -15.70 15.51
CA ILE A 37 3.08 -14.48 14.64
C ILE A 37 3.59 -13.28 15.43
N LYS A 38 4.54 -12.56 14.84
CA LYS A 38 5.10 -11.32 15.45
C LYS A 38 4.33 -10.10 14.90
N ALA A 39 4.02 -10.11 13.61
CA ALA A 39 3.37 -8.93 13.01
C ALA A 39 2.49 -9.29 11.81
N GLN A 40 1.45 -8.49 11.58
CA GLN A 40 0.55 -8.68 10.42
C GLN A 40 0.61 -7.43 9.53
N SER A 41 0.41 -7.60 8.23
CA SER A 41 0.57 -6.50 7.25
C SER A 41 -0.61 -5.53 7.26
N ILE A 42 -1.77 -6.02 7.66
CA ILE A 42 -3.01 -5.19 7.67
C ILE A 42 -3.50 -5.03 9.11
N LYS A 43 -3.80 -3.81 9.51
CA LYS A 43 -4.31 -3.53 10.85
C LYS A 43 -5.59 -4.31 11.11
N ALA A 44 -5.63 -4.99 12.26
CA ALA A 44 -6.83 -5.75 12.64
C ALA A 44 -8.07 -4.85 12.66
N GLY A 45 -9.15 -5.36 12.11
CA GLY A 45 -10.41 -4.61 12.12
C GLY A 45 -10.65 -3.90 10.82
N ASN A 46 -9.59 -3.77 10.03
CA ASN A 46 -9.72 -3.05 8.75
C ASN A 46 -10.51 -3.87 7.73
N LYS A 47 -11.28 -3.18 6.90
CA LYS A 47 -12.08 -3.83 5.85
C LYS A 47 -11.25 -3.88 4.56
N VAL A 48 -11.13 -5.06 3.97
CA VAL A 48 -10.32 -5.25 2.75
C VAL A 48 -11.14 -6.12 1.81
N LEU A 49 -10.69 -6.24 0.57
CA LEU A 49 -11.41 -7.08 -0.40
C LEU A 49 -11.24 -8.55 -0.02
N PRO A 50 -12.29 -9.34 -0.22
CA PRO A 50 -12.18 -10.77 0.02
C PRO A 50 -11.06 -11.33 -0.85
N HIS A 51 -10.37 -12.31 -0.26
CA HIS A 51 -9.35 -13.16 -0.91
C HIS A 51 -8.06 -12.35 -1.10
N SER A 52 -8.01 -11.12 -0.57
CA SER A 52 -6.76 -10.34 -0.52
C SER A 52 -5.81 -10.98 0.48
N LYS A 53 -4.53 -10.67 0.37
N LYS A 53 -4.52 -10.68 0.34
CA LYS A 53 -3.48 -11.35 1.17
CA LYS A 53 -3.48 -11.31 1.18
C LYS A 53 -3.21 -10.56 2.44
C LYS A 53 -3.37 -10.53 2.49
N VAL A 54 -3.05 -11.27 3.56
CA VAL A 54 -2.55 -10.72 4.83
C VAL A 54 -1.20 -11.38 5.06
N LEU A 55 -0.13 -10.60 5.09
CA LEU A 55 1.20 -11.15 5.31
C LEU A 55 1.38 -11.27 6.82
N LEU A 56 1.89 -12.43 7.26
CA LEU A 56 2.09 -12.75 8.66
C LEU A 56 3.57 -13.04 8.88
N LEU A 57 4.24 -12.17 9.60
CA LEU A 57 5.65 -12.32 9.96
C LEU A 57 5.74 -13.16 11.22
N THR A 58 6.46 -14.27 11.12
CA THR A 58 6.70 -15.12 12.32
C THR A 58 7.85 -14.57 13.14
N ASP A 59 8.01 -15.09 14.34
CA ASP A 59 9.24 -15.00 15.12
C ASP A 59 10.33 -15.85 14.50
N GLY A 60 11.47 -15.96 15.16
CA GLY A 60 12.58 -16.70 14.56
C GLY A 60 13.09 -16.03 13.29
N ASP A 61 13.71 -16.83 12.44
CA ASP A 61 14.36 -16.30 11.23
C ASP A 61 13.33 -15.84 10.21
N LEU A 62 13.66 -14.74 9.53
CA LEU A 62 12.94 -14.34 8.32
C LEU A 62 13.33 -15.25 7.17
N THR A 63 12.37 -15.68 6.37
CA THR A 63 12.64 -16.51 5.17
C THR A 63 11.85 -15.94 4.01
N MET A 64 12.33 -16.19 2.81
CA MET A 64 11.74 -15.64 1.59
C MET A 64 10.45 -16.39 1.23
N PRO A 65 9.32 -15.67 1.06
CA PRO A 65 8.11 -16.32 0.57
C PRO A 65 8.18 -16.56 -0.94
N ASP A 66 7.23 -17.36 -1.43
CA ASP A 66 6.93 -17.49 -2.86
C ASP A 66 6.06 -16.28 -3.26
N MET A 67 6.64 -15.33 -3.99
CA MET A 67 5.90 -14.12 -4.40
C MET A 67 5.23 -14.34 -5.76
N SER A 68 5.30 -15.53 -6.35
CA SER A 68 4.68 -15.80 -7.68
C SER A 68 3.24 -15.26 -7.68
N GLY A 69 2.90 -14.42 -8.67
CA GLY A 69 1.53 -13.91 -8.81
C GLY A 69 1.17 -12.76 -7.88
N TRP A 70 2.07 -12.29 -7.02
CA TRP A 70 1.77 -11.13 -6.13
C TRP A 70 1.53 -9.84 -6.92
N THR A 71 0.73 -8.94 -6.35
CA THR A 71 0.55 -7.56 -6.85
C THR A 71 1.66 -6.66 -6.28
N LYS A 72 1.82 -5.47 -6.83
CA LYS A 72 2.74 -4.41 -6.32
C LYS A 72 2.40 -4.12 -4.85
N GLU A 73 1.11 -4.00 -4.53
N GLU A 73 1.12 -3.99 -4.51
CA GLU A 73 0.59 -3.79 -3.15
CA GLU A 73 0.65 -3.77 -3.11
C GLU A 73 1.21 -4.84 -2.21
C GLU A 73 1.24 -4.85 -2.20
N ASP A 74 1.13 -6.12 -2.60
CA ASP A 74 1.61 -7.26 -1.80
C ASP A 74 3.13 -7.14 -1.57
N VAL A 75 3.87 -6.83 -2.62
CA VAL A 75 5.36 -6.81 -2.54
C VAL A 75 5.76 -5.62 -1.67
N ILE A 76 5.11 -4.47 -1.90
CA ILE A 76 5.34 -3.29 -1.06
C ILE A 76 4.99 -3.58 0.42
N ALA A 77 3.94 -4.33 0.68
CA ALA A 77 3.61 -4.72 2.07
C ALA A 77 4.77 -5.53 2.67
N PHE A 78 5.36 -6.42 1.88
CA PHE A 78 6.50 -7.24 2.33
C PHE A 78 7.67 -6.33 2.74
N GLU A 79 7.99 -5.32 1.92
CA GLU A 79 9.11 -4.40 2.24
C GLU A 79 8.82 -3.73 3.61
N ASN A 80 7.61 -3.24 3.81
CA ASN A 80 7.26 -2.51 5.04
C ASN A 80 7.23 -3.44 6.24
N LEU A 81 6.87 -4.71 6.03
CA LEU A 81 6.77 -5.66 7.16
C LEU A 81 8.17 -6.08 7.63
N THR A 82 9.11 -6.22 6.68
CA THR A 82 10.41 -6.89 6.91
C THR A 82 11.60 -5.92 6.95
N ASN A 83 11.39 -4.70 6.46
N ASN A 83 11.40 -4.71 6.44
CA ASN A 83 12.45 -3.69 6.25
CA ASN A 83 12.47 -3.70 6.27
C ASN A 83 13.52 -4.24 5.29
C ASN A 83 13.52 -4.20 5.27
N ILE A 84 13.11 -5.07 4.33
CA ILE A 84 13.97 -5.52 3.19
C ILE A 84 13.52 -4.76 1.95
N LYS A 85 14.44 -4.01 1.32
CA LYS A 85 14.09 -3.16 0.16
C LYS A 85 13.79 -4.09 -1.00
N VAL A 86 12.71 -3.83 -1.72
CA VAL A 86 12.36 -4.59 -2.94
C VAL A 86 12.34 -3.59 -4.10
N ASN A 87 13.00 -3.96 -5.18
CA ASN A 87 13.02 -3.17 -6.43
C ASN A 87 11.99 -3.79 -7.35
N LEU A 88 11.09 -2.95 -7.88
N LEU A 88 11.05 -2.96 -7.79
CA LEU A 88 9.91 -3.39 -8.65
CA LEU A 88 9.95 -3.43 -8.67
C LEU A 88 10.08 -3.01 -10.12
C LEU A 88 10.30 -3.06 -10.11
N LYS A 89 10.04 -3.99 -11.03
CA LYS A 89 10.17 -3.77 -12.49
C LYS A 89 8.93 -4.33 -13.19
N GLY A 90 8.27 -3.50 -14.02
CA GLY A 90 7.13 -3.92 -14.83
C GLY A 90 5.82 -3.73 -14.10
N SER A 91 4.76 -4.32 -14.65
CA SER A 91 3.37 -4.23 -14.14
C SER A 91 2.62 -5.54 -14.35
N GLY A 92 1.58 -5.73 -13.54
CA GLY A 92 0.72 -6.92 -13.53
C GLY A 92 1.04 -7.70 -12.29
N PHE A 93 1.55 -8.90 -12.51
CA PHE A 93 1.72 -9.87 -11.37
C PHE A 93 3.15 -10.37 -11.32
N VAL A 94 3.64 -10.78 -10.15
CA VAL A 94 5.08 -11.19 -10.07
C VAL A 94 5.34 -12.43 -10.92
N SER A 95 6.34 -12.37 -11.80
CA SER A 95 6.76 -13.48 -12.69
C SER A 95 8.20 -13.92 -12.37
N HIS A 96 8.93 -13.16 -11.56
CA HIS A 96 10.32 -13.50 -11.18
C HIS A 96 10.69 -12.82 -9.88
N GLN A 97 11.37 -13.53 -9.00
CA GLN A 97 11.96 -12.95 -7.78
C GLN A 97 13.43 -13.37 -7.74
N SER A 98 14.27 -12.50 -7.18
CA SER A 98 15.75 -12.68 -7.25
C SER A 98 16.25 -13.63 -6.15
N ILE A 99 15.46 -13.89 -5.12
CA ILE A 99 15.81 -14.87 -4.04
C ILE A 99 14.76 -15.97 -4.02
N SER A 100 15.21 -17.24 -4.00
CA SER A 100 14.29 -18.40 -4.08
C SER A 100 13.48 -18.49 -2.77
N LYS A 101 12.26 -19.00 -2.91
CA LYS A 101 11.40 -19.27 -1.76
C LYS A 101 12.15 -20.15 -0.77
N GLY A 102 12.01 -19.80 0.49
CA GLY A 102 12.52 -20.62 1.61
C GLY A 102 13.84 -20.12 2.15
N GLN A 103 14.59 -19.31 1.43
CA GLN A 103 15.93 -18.90 1.88
C GLN A 103 15.82 -17.94 3.07
N LYS A 104 16.70 -18.11 4.05
CA LYS A 104 16.80 -17.18 5.18
C LYS A 104 17.22 -15.81 4.63
N LEU A 105 16.57 -14.78 5.14
CA LEU A 105 16.89 -13.38 4.80
C LEU A 105 17.43 -12.65 6.04
N THR A 106 18.23 -11.61 5.83
CA THR A 106 18.58 -10.60 6.87
C THR A 106 18.30 -9.21 6.29
N GLU A 107 18.36 -8.16 7.11
CA GLU A 107 18.22 -6.76 6.62
C GLU A 107 19.44 -6.40 5.73
N LYS A 108 20.42 -7.29 5.61
CA LYS A 108 21.56 -7.19 4.66
C LYS A 108 21.11 -7.50 3.22
N ASP A 109 19.96 -8.13 3.02
CA ASP A 109 19.55 -8.58 1.68
C ASP A 109 18.71 -7.52 0.99
N LYS A 110 18.63 -7.60 -0.33
CA LYS A 110 17.75 -6.77 -1.18
C LYS A 110 17.13 -7.70 -2.21
N ILE A 111 15.92 -7.40 -2.65
CA ILE A 111 15.18 -8.29 -3.59
C ILE A 111 14.88 -7.52 -4.87
N ASP A 112 14.98 -8.18 -6.01
CA ASP A 112 14.46 -7.66 -7.29
C ASP A 112 13.28 -8.52 -7.71
N VAL A 113 12.14 -7.89 -7.99
CA VAL A 113 10.95 -8.64 -8.51
CA VAL A 113 10.95 -8.63 -8.50
C VAL A 113 10.53 -8.02 -9.85
N GLU A 114 10.14 -8.89 -10.78
CA GLU A 114 9.64 -8.49 -12.11
C GLU A 114 8.16 -8.87 -12.19
N PHE A 115 7.35 -7.96 -12.74
CA PHE A 115 5.90 -8.20 -12.96
C PHE A 115 5.66 -8.36 -14.46
N SER A 116 4.68 -9.20 -14.79
CA SER A 116 4.22 -9.50 -16.16
C SER A 116 2.70 -9.38 -16.18
N SER A 117 2.16 -8.81 -17.26
CA SER A 117 0.72 -8.59 -17.49
C SER A 117 0.03 -9.93 -17.70
N ALA B 1 -0.43 0.78 19.33
CA ALA B 1 -0.38 2.21 19.09
C ALA B 1 -1.81 2.69 18.84
N GLU B 2 -2.08 3.96 19.14
CA GLU B 2 -3.40 4.54 18.81
C GLU B 2 -3.35 4.96 17.34
N TYR B 3 -4.24 4.38 16.58
CA TYR B 3 -4.33 4.64 15.14
C TYR B 3 -5.39 5.71 14.91
N SER B 4 -5.25 6.45 13.82
CA SER B 4 -6.27 7.38 13.31
C SER B 4 -7.32 6.59 12.53
N LYS B 5 -8.60 6.92 12.71
CA LYS B 5 -9.71 6.35 11.94
C LYS B 5 -9.98 7.29 10.77
N VAL B 6 -9.85 6.80 9.55
CA VAL B 6 -10.03 7.66 8.35
C VAL B 6 -11.48 8.06 8.28
N PRO B 7 -11.75 9.37 8.18
CA PRO B 7 -13.13 9.84 8.05
C PRO B 7 -13.64 9.62 6.61
N ASP B 8 -14.97 9.61 6.48
CA ASP B 8 -15.65 9.57 5.18
C ASP B 8 -15.79 11.00 4.64
N VAL B 9 -14.95 11.35 3.67
CA VAL B 9 -15.00 12.70 3.05
C VAL B 9 -15.45 12.65 1.59
N GLU B 10 -15.82 11.48 1.07
CA GLU B 10 -16.35 11.39 -0.28
C GLU B 10 -17.68 12.16 -0.33
N GLY B 11 -17.79 13.01 -1.33
CA GLY B 11 -18.98 13.86 -1.49
C GLY B 11 -18.82 15.24 -0.89
N GLN B 12 -17.78 15.47 -0.11
CA GLN B 12 -17.64 16.77 0.59
C GLN B 12 -16.98 17.80 -0.31
N ASP B 13 -17.31 19.07 -0.09
N ASP B 13 -17.30 19.08 -0.08
CA ASP B 13 -16.53 20.19 -0.64
CA ASP B 13 -16.53 20.24 -0.62
C ASP B 13 -15.05 19.96 -0.30
C ASP B 13 -15.04 19.99 -0.29
N LYS B 14 -14.16 20.37 -1.21
CA LYS B 14 -12.73 20.09 -1.07
C LYS B 14 -12.15 20.61 0.25
N GLN B 15 -12.44 21.85 0.66
CA GLN B 15 -11.82 22.34 1.90
C GLN B 15 -12.41 21.63 3.12
N LYS B 16 -13.71 21.34 3.12
CA LYS B 16 -14.33 20.57 4.22
C LYS B 16 -13.62 19.21 4.38
N ALA B 17 -13.33 18.57 3.26
CA ALA B 17 -12.68 17.25 3.25
C ALA B 17 -11.26 17.38 3.81
N ILE B 18 -10.51 18.36 3.34
CA ILE B 18 -9.15 18.63 3.86
C ILE B 18 -9.21 18.82 5.38
N ASP B 19 -10.11 19.66 5.87
CA ASP B 19 -10.23 19.98 7.31
C ASP B 19 -10.60 18.71 8.09
N ASN B 20 -11.47 17.88 7.53
CA ASN B 20 -11.96 16.70 8.27
C ASN B 20 -10.83 15.67 8.36
N VAL B 21 -10.06 15.49 7.29
CA VAL B 21 -8.90 14.56 7.36
C VAL B 21 -7.85 15.09 8.33
N SER B 22 -7.49 16.37 8.25
CA SER B 22 -6.48 16.98 9.15
C SER B 22 -6.92 16.83 10.61
N ALA B 23 -8.22 16.92 10.87
CA ALA B 23 -8.78 16.87 12.24
C ALA B 23 -8.60 15.48 12.84
N LYS B 24 -8.42 14.45 12.01
CA LYS B 24 -8.17 13.06 12.50
C LYS B 24 -6.67 12.79 12.53
N SER B 25 -5.84 13.83 12.50
CA SER B 25 -4.37 13.69 12.63
C SER B 25 -3.85 12.91 11.42
N LEU B 26 -4.38 13.22 10.25
CA LEU B 26 -3.94 12.61 8.98
C LEU B 26 -3.60 13.73 8.01
N GLU B 27 -2.85 13.38 6.98
CA GLU B 27 -2.38 14.34 5.98
C GLU B 27 -3.22 14.22 4.72
N PRO B 28 -4.15 15.14 4.43
CA PRO B 28 -4.87 15.07 3.17
C PRO B 28 -3.95 15.54 2.02
N VAL B 29 -4.01 14.81 0.92
CA VAL B 29 -3.39 15.27 -0.37
C VAL B 29 -4.44 15.24 -1.47
N THR B 30 -4.76 16.39 -2.04
CA THR B 30 -5.78 16.46 -3.10
C THR B 30 -5.12 16.24 -4.44
N ILE B 31 -5.88 15.58 -5.28
CA ILE B 31 -5.50 15.25 -6.66
C ILE B 31 -6.64 15.73 -7.54
N GLY B 32 -6.35 16.62 -8.46
CA GLY B 32 -7.35 17.17 -9.38
C GLY B 32 -7.68 18.63 -9.12
N SER B 33 -8.35 19.22 -10.08
CA SER B 33 -8.64 20.67 -10.06
C SER B 33 -10.13 20.93 -9.75
N GLY B 34 -10.86 19.95 -9.25
CA GLY B 34 -12.28 20.09 -8.93
C GLY B 34 -12.52 20.64 -7.54
N THR B 35 -13.80 20.81 -7.23
CA THR B 35 -14.23 21.48 -5.98
C THR B 35 -14.85 20.52 -4.98
N GLN B 36 -14.99 19.24 -5.34
N GLN B 36 -15.08 19.25 -5.35
CA GLN B 36 -15.67 18.21 -4.53
CA GLN B 36 -15.68 18.23 -4.45
C GLN B 36 -14.79 16.97 -4.52
C GLN B 36 -14.80 16.98 -4.50
N ILE B 37 -14.83 16.19 -3.42
CA ILE B 37 -14.08 14.93 -3.37
C ILE B 37 -14.96 13.82 -3.92
N LYS B 38 -14.45 13.14 -4.93
CA LYS B 38 -15.19 11.99 -5.49
C LYS B 38 -14.68 10.67 -4.91
N ALA B 39 -13.42 10.55 -4.55
CA ALA B 39 -12.87 9.27 -4.06
C ALA B 39 -11.72 9.51 -3.08
N GLN B 40 -11.57 8.62 -2.10
CA GLN B 40 -10.46 8.67 -1.14
C GLN B 40 -9.68 7.35 -1.19
N SER B 41 -8.38 7.42 -0.92
CA SER B 41 -7.47 6.26 -1.13
C SER B 41 -7.59 5.19 -0.05
N ILE B 42 -7.99 5.59 1.16
N ILE B 42 -8.04 5.57 1.14
CA ILE B 42 -8.19 4.66 2.29
CA ILE B 42 -8.20 4.62 2.26
C ILE B 42 -9.69 4.56 2.55
C ILE B 42 -9.69 4.56 2.59
N LYS B 43 -10.18 3.35 2.71
CA LYS B 43 -11.61 3.15 2.97
C LYS B 43 -12.02 3.82 4.26
N ALA B 44 -13.08 4.62 4.20
CA ALA B 44 -13.57 5.32 5.41
C ALA B 44 -13.84 4.29 6.52
N GLY B 45 -13.34 4.61 7.71
CA GLY B 45 -13.55 3.78 8.89
C GLY B 45 -12.39 2.85 9.17
N ASN B 46 -11.51 2.66 8.19
CA ASN B 46 -10.28 1.88 8.48
C ASN B 46 -9.31 2.72 9.29
N LYS B 47 -8.43 2.05 9.99
CA LYS B 47 -7.47 2.70 10.89
C LYS B 47 -6.09 2.65 10.24
N VAL B 48 -5.35 3.75 10.39
CA VAL B 48 -4.01 3.92 9.81
C VAL B 48 -3.12 4.65 10.81
N LEU B 49 -1.82 4.68 10.57
CA LEU B 49 -0.89 5.39 11.48
C LEU B 49 -1.20 6.88 11.42
N PRO B 50 -1.15 7.58 12.57
CA PRO B 50 -1.28 9.02 12.54
C PRO B 50 -0.25 9.63 11.59
N HIS B 51 -0.70 10.66 10.89
CA HIS B 51 0.11 11.54 10.01
C HIS B 51 0.39 10.84 8.68
N SER B 52 -0.18 9.67 8.43
N SER B 52 -0.25 9.67 8.49
CA SER B 52 -0.09 9.06 7.08
CA SER B 52 -0.42 8.94 7.21
C SER B 52 -1.02 9.80 6.12
C SER B 52 -1.09 9.87 6.18
N LYS B 53 -0.73 9.70 4.83
N LYS B 53 -0.81 9.68 4.89
CA LYS B 53 -1.46 10.46 3.79
CA LYS B 53 -1.43 10.46 3.79
C LYS B 53 -2.78 9.75 3.47
C LYS B 53 -2.73 9.79 3.35
N VAL B 54 -3.79 10.57 3.21
CA VAL B 54 -5.04 10.13 2.57
C VAL B 54 -5.15 10.90 1.27
N LEU B 55 -5.12 10.20 0.15
CA LEU B 55 -5.23 10.85 -1.17
C LEU B 55 -6.70 11.06 -1.48
N LEU B 56 -7.04 12.27 -1.89
CA LEU B 56 -8.42 12.69 -2.15
C LEU B 56 -8.54 13.12 -3.62
N LEU B 57 -9.26 12.33 -4.41
CA LEU B 57 -9.45 12.62 -5.84
C LEU B 57 -10.65 13.55 -5.95
N THR B 58 -10.46 14.69 -6.59
CA THR B 58 -11.56 15.62 -6.85
C THR B 58 -12.39 15.16 -8.03
N ASP B 59 -13.55 15.76 -8.17
CA ASP B 59 -14.26 15.73 -9.46
C ASP B 59 -13.52 16.64 -10.44
N GLY B 60 -14.07 16.79 -11.63
CA GLY B 60 -13.33 17.53 -12.68
C GLY B 60 -12.06 16.82 -13.12
N ASP B 61 -11.08 17.60 -13.57
CA ASP B 61 -9.87 17.04 -14.20
C ASP B 61 -8.90 16.49 -13.17
N LEU B 62 -8.32 15.34 -13.46
CA LEU B 62 -7.18 14.81 -12.71
C LEU B 62 -5.95 15.67 -13.00
N THR B 63 -5.20 16.02 -11.95
CA THR B 63 -3.95 16.78 -12.11
C THR B 63 -2.86 16.14 -11.26
N MET B 64 -1.63 16.28 -11.70
CA MET B 64 -0.46 15.64 -11.07
C MET B 64 -0.14 16.30 -9.73
N PRO B 65 -0.06 15.53 -8.63
CA PRO B 65 0.33 16.07 -7.34
C PRO B 65 1.86 16.25 -7.26
N ASP B 66 2.30 16.97 -6.23
CA ASP B 66 3.71 16.99 -5.80
C ASP B 66 3.96 15.72 -5.01
N MET B 67 4.70 14.78 -5.58
CA MET B 67 4.94 13.51 -4.85
C MET B 67 6.25 13.56 -4.09
N SER B 68 6.94 14.70 -4.02
CA SER B 68 8.22 14.85 -3.28
C SER B 68 8.07 14.25 -1.88
N GLY B 69 8.93 13.29 -1.53
CA GLY B 69 8.95 12.73 -0.16
C GLY B 69 7.97 11.59 0.06
N TRP B 70 7.16 11.24 -0.93
CA TRP B 70 6.20 10.13 -0.76
C TRP B 70 6.93 8.80 -0.62
N THR B 71 6.22 7.83 -0.07
CA THR B 71 6.62 6.41 0.10
C THR B 71 6.10 5.59 -1.07
N LYS B 72 6.62 4.38 -1.25
CA LYS B 72 6.15 3.47 -2.32
C LYS B 72 4.65 3.25 -2.11
N GLU B 73 4.24 3.05 -0.85
CA GLU B 73 2.82 2.82 -0.53
C GLU B 73 1.96 4.00 -1.01
N ASP B 74 2.45 5.21 -0.81
CA ASP B 74 1.70 6.42 -1.24
C ASP B 74 1.59 6.41 -2.79
N VAL B 75 2.66 6.08 -3.48
CA VAL B 75 2.68 6.09 -4.97
C VAL B 75 1.78 4.97 -5.51
N ILE B 76 1.77 3.74 -4.94
CA ILE B 76 0.83 2.69 -5.45
C ILE B 76 -0.62 3.10 -5.12
N ALA B 77 -0.86 3.79 -4.00
CA ALA B 77 -2.21 4.31 -3.66
C ALA B 77 -2.65 5.26 -4.78
N PHE B 78 -1.72 6.06 -5.30
CA PHE B 78 -2.06 6.95 -6.43
C PHE B 78 -2.41 6.15 -7.68
N GLU B 79 -1.62 5.11 -7.99
N GLU B 79 -1.63 5.12 -8.01
CA GLU B 79 -1.86 4.24 -9.16
CA GLU B 79 -1.92 4.28 -9.20
C GLU B 79 -3.27 3.65 -9.03
C GLU B 79 -3.33 3.67 -9.02
N ASN B 80 -3.63 3.14 -7.83
CA ASN B 80 -4.93 2.46 -7.60
C ASN B 80 -6.08 3.45 -7.64
N LEU B 81 -5.87 4.69 -7.20
CA LEU B 81 -6.98 5.67 -7.13
C LEU B 81 -7.28 6.19 -8.54
N THR B 82 -6.22 6.37 -9.35
CA THR B 82 -6.29 7.10 -10.63
C THR B 82 -6.23 6.19 -11.86
N ASN B 83 -5.77 4.93 -11.72
N ASN B 83 -5.82 4.91 -11.71
CA ASN B 83 -5.57 3.97 -12.83
CA ASN B 83 -5.56 3.96 -12.82
C ASN B 83 -4.49 4.48 -13.78
C ASN B 83 -4.53 4.53 -13.79
N ILE B 84 -3.61 5.36 -13.29
CA ILE B 84 -2.40 5.80 -14.04
C ILE B 84 -1.22 4.92 -13.60
N LYS B 85 -0.61 4.21 -14.55
CA LYS B 85 0.55 3.33 -14.25
C LYS B 85 1.70 4.19 -13.71
N VAL B 86 2.30 3.76 -12.60
CA VAL B 86 3.56 4.37 -12.10
C VAL B 86 4.69 3.33 -12.11
N ASN B 87 5.83 3.75 -12.66
CA ASN B 87 7.10 3.00 -12.54
C ASN B 87 7.85 3.46 -11.29
N LEU B 88 8.04 2.52 -10.37
CA LEU B 88 8.81 2.77 -9.14
C LEU B 88 10.23 2.28 -9.41
N LYS B 89 11.19 3.18 -9.21
CA LYS B 89 12.64 2.94 -9.35
C LYS B 89 13.32 3.33 -8.04
N GLY B 90 13.97 2.36 -7.38
CA GLY B 90 14.73 2.64 -6.14
C GLY B 90 13.92 2.36 -4.88
N SER B 91 14.31 3.02 -3.78
CA SER B 91 13.87 2.77 -2.38
C SER B 91 14.21 3.99 -1.52
N GLY B 92 13.43 4.19 -0.44
CA GLY B 92 13.54 5.39 0.42
C GLY B 92 12.30 6.23 0.18
N PHE B 93 12.49 7.55 -0.04
CA PHE B 93 11.41 8.52 -0.36
C PHE B 93 11.62 9.02 -1.79
N VAL B 94 10.49 9.43 -2.39
CA VAL B 94 10.43 10.04 -3.77
C VAL B 94 11.30 11.29 -3.87
N SER B 95 12.20 11.30 -4.85
CA SER B 95 13.19 12.38 -5.11
C SER B 95 13.02 13.00 -6.51
N HIS B 96 12.32 12.31 -7.42
CA HIS B 96 12.06 12.84 -8.78
C HIS B 96 10.78 12.21 -9.33
N GLN B 97 9.99 13.03 -10.00
CA GLN B 97 8.78 12.59 -10.72
C GLN B 97 8.86 13.10 -12.16
N SER B 98 8.37 12.31 -13.10
CA SER B 98 8.57 12.55 -14.55
C SER B 98 7.54 13.56 -15.08
N ILE B 99 6.50 13.82 -14.30
CA ILE B 99 5.47 14.83 -14.66
C ILE B 99 5.44 15.89 -13.57
N SER B 100 5.50 17.17 -13.98
CA SER B 100 5.53 18.29 -13.03
C SER B 100 4.21 18.35 -12.29
N LYS B 101 4.26 18.79 -11.02
CA LYS B 101 3.05 19.05 -10.23
C LYS B 101 2.18 20.04 -11.01
N GLY B 102 0.89 19.73 -11.02
CA GLY B 102 -0.15 20.63 -11.56
C GLY B 102 -0.66 20.23 -12.92
N GLN B 103 0.10 19.43 -13.67
CA GLN B 103 -0.29 19.10 -15.06
C GLN B 103 -1.55 18.23 -15.10
N LYS B 104 -2.50 18.55 -15.99
CA LYS B 104 -3.66 17.65 -16.27
C LYS B 104 -3.14 16.30 -16.76
N LEU B 105 -3.73 15.23 -16.23
CA LEU B 105 -3.35 13.84 -16.62
C LEU B 105 -4.53 13.19 -17.35
N THR B 106 -4.25 12.35 -18.35
CA THR B 106 -5.25 11.48 -19.02
C THR B 106 -4.89 10.02 -18.73
N GLU B 107 -5.80 9.08 -18.96
CA GLU B 107 -5.49 7.64 -18.74
C GLU B 107 -4.42 7.19 -19.76
N LYS B 108 -4.09 8.04 -20.73
CA LYS B 108 -2.96 7.85 -21.68
C LYS B 108 -1.62 7.99 -20.94
N ASP B 109 -1.56 8.84 -19.92
CA ASP B 109 -0.28 9.19 -19.24
C ASP B 109 0.23 8.00 -18.42
N LYS B 110 1.55 7.96 -18.25
CA LYS B 110 2.28 7.07 -17.32
C LYS B 110 3.36 7.92 -16.64
N ILE B 111 3.66 7.57 -15.41
CA ILE B 111 4.60 8.31 -14.53
C ILE B 111 5.78 7.40 -14.20
N ASP B 112 6.98 7.96 -14.24
CA ASP B 112 8.17 7.34 -13.62
C ASP B 112 8.52 8.16 -12.37
N VAL B 113 8.68 7.48 -11.24
CA VAL B 113 9.19 8.16 -10.00
CA VAL B 113 9.15 8.12 -9.97
C VAL B 113 10.47 7.48 -9.54
N GLU B 114 11.35 8.28 -8.93
CA GLU B 114 12.62 7.75 -8.37
C GLU B 114 12.58 7.92 -6.85
N PHE B 115 12.88 6.86 -6.13
CA PHE B 115 13.06 6.93 -4.67
C PHE B 115 14.55 7.05 -4.36
N SER B 116 14.83 7.91 -3.39
CA SER B 116 16.19 8.10 -2.83
C SER B 116 16.11 8.09 -1.30
N SER B 117 17.15 7.62 -0.61
CA SER B 117 17.18 7.56 0.87
C SER B 117 17.74 8.87 1.46
#